data_5JH5
#
_entry.id   5JH5
#
_cell.length_a   70.049
_cell.length_b   73.796
_cell.length_c   123.014
_cell.angle_alpha   90.00
_cell.angle_beta   90.00
_cell.angle_gamma   90.00
#
_symmetry.space_group_name_H-M   'P 21 21 21'
#
loop_
_entity.id
_entity.type
_entity.pdbx_description
1 polymer 'Lysine-specific demethylase 2B'
2 polymer 'S-phase kinase-associated protein 1'
3 polymer 'Polycomb group RING finger protein 1'
4 polymer 'BCL-6 corepressor-like protein 1'
5 water water
#
loop_
_entity_poly.entity_id
_entity_poly.type
_entity_poly.pdbx_seq_one_letter_code
_entity_poly.pdbx_strand_id
1 'polypeptide(L)'
;GTRDGAAHV(MSE)HREVW(MSE)AVFSYLSHQDLCVC(MSE)RVCRTWNRWCCDKRLWTRIDLNHCKSITPL(MSE)LS
GIIRRQPVSLDLSWTNISKKQLSWLINRLPGLRDLVLSGCSWIAVSALCSSSCPLLRTLDVQWVEGLKDAQ(MSE)RDLL
SPPTDNRPGQ(MSE)DNRSKLRNIVELRLAGLDITDASLRLIIRH(MSE)PLLSKLHLSYCNHVTDQSINLLTAVGTTTR
DSLTEINLSDCNKVTDQCLSFFKRCGNICHIDLRYCKQVTKEGCEQFIAE(MSE)SVSVQFGQVEEKLLQKLS
;
A
2 'polypeptide(L)'
;PSIKLQSSDGEIFEVDVEIAKQSVTIKT(MSE)LEDLG(MSE)DDEGDDDPVPLPNVNAAILKKVIQWCTHHKDDPPPPE
DDENKEKRTDDIPVWDQEFLKVDQGTLFELILAANYLDIKGLLDVTCKTVAN(MSE)IKGKTPEEIRKTFNIKNDFTEEE
EAQVRKENQWCEEK
;
B
3 'polypeptide(L)'
;GTRLPFSSFDHSKAHYYRYDEQLNLCLERLSSGKDKNKSVLQNKYVRCSVRAEVRHLRRVLCHRL(MSE)LNPQHVQLLF
DNEVLPDH(MSE)T(MSE)KQIWLSRWFGKPSPLLLQYSVK
;
C
4 'polypeptide(L)'
;(MSE)ETRDDF(MSE)FELSDKPLLPCYNLQVSVSRGPCNWFLFSDVLKRLKLSSRIFQARFPHFEITT(MSE)PKAEFY
RQVASSQLLTPAERPGGLDDRSPPGSSETVELVRYEPDLLRLLGSEVEFQSCNS
;
D
#
# COMPACT_ATOMS: atom_id res chain seq x y z
N HIS A 11 -13.24 -11.50 -31.80
CA HIS A 11 -13.67 -10.12 -31.94
C HIS A 11 -13.03 -9.33 -30.80
N ARG A 12 -12.22 -8.34 -31.16
CA ARG A 12 -11.31 -7.75 -30.19
C ARG A 12 -12.01 -7.07 -29.02
N GLU A 13 -13.03 -6.29 -29.31
CA GLU A 13 -13.78 -5.61 -28.26
C GLU A 13 -14.51 -6.59 -27.36
N VAL A 14 -15.02 -7.67 -27.96
CA VAL A 14 -15.72 -8.69 -27.20
C VAL A 14 -14.79 -9.35 -26.20
N TRP A 15 -13.57 -9.65 -26.62
CA TRP A 15 -12.57 -10.22 -25.71
C TRP A 15 -12.18 -9.26 -24.60
N ALA A 17 -13.98 -7.22 -23.31
CA ALA A 17 -15.09 -7.27 -22.36
C ALA A 17 -14.92 -8.44 -21.39
N VAL A 18 -14.55 -9.61 -21.89
CA VAL A 18 -14.26 -10.74 -21.01
C VAL A 18 -13.07 -10.43 -20.12
N PHE A 19 -12.01 -9.87 -20.69
CA PHE A 19 -10.76 -9.71 -19.96
C PHE A 19 -10.92 -8.76 -18.78
N SER A 20 -11.81 -7.77 -18.88
CA SER A 20 -11.98 -6.82 -17.81
C SER A 20 -12.52 -7.45 -16.54
N TYR A 21 -13.15 -8.62 -16.64
CA TYR A 21 -13.59 -9.35 -15.46
C TYR A 21 -12.51 -10.24 -14.88
N LEU A 22 -11.44 -10.49 -15.62
CA LEU A 22 -10.37 -11.34 -15.13
C LEU A 22 -9.48 -10.58 -14.16
N SER A 23 -8.85 -11.33 -13.26
CA SER A 23 -7.86 -10.76 -12.37
C SER A 23 -6.51 -10.66 -13.09
N HIS A 24 -5.55 -9.98 -12.43
CA HIS A 24 -4.24 -9.82 -13.04
C HIS A 24 -3.51 -11.15 -13.16
N GLN A 25 -3.69 -12.05 -12.20
CA GLN A 25 -3.09 -13.38 -12.31
C GLN A 25 -3.64 -14.11 -13.53
N ASP A 26 -4.96 -14.26 -13.60
CA ASP A 26 -5.59 -14.90 -14.75
C ASP A 26 -5.09 -14.28 -16.05
N LEU A 27 -5.09 -12.94 -16.13
CA LEU A 27 -4.64 -12.26 -17.34
C LEU A 27 -3.21 -12.66 -17.69
N CYS A 28 -2.32 -12.69 -16.69
CA CYS A 28 -0.96 -13.15 -16.94
C CYS A 28 -0.95 -14.54 -17.56
N VAL A 29 -1.85 -15.42 -17.10
CA VAL A 29 -2.00 -16.73 -17.73
C VAL A 29 -2.47 -16.57 -19.18
N CYS A 30 -3.46 -15.69 -19.40
CA CYS A 30 -3.99 -15.53 -20.75
C CYS A 30 -2.94 -15.09 -21.74
N ARG A 32 -0.03 -16.16 -22.03
CA ARG A 32 0.61 -17.36 -22.52
C ARG A 32 -0.27 -18.16 -23.46
N VAL A 33 -1.54 -17.77 -23.62
CA VAL A 33 -2.46 -18.58 -24.42
C VAL A 33 -2.08 -18.54 -25.89
N CYS A 34 -1.88 -17.35 -26.43
CA CYS A 34 -1.57 -17.20 -27.85
C CYS A 34 -0.83 -15.88 -28.04
N ARG A 35 -0.32 -15.67 -29.26
CA ARG A 35 0.42 -14.47 -29.61
C ARG A 35 -0.43 -13.20 -29.62
N THR A 36 -1.74 -13.31 -29.87
CA THR A 36 -2.61 -12.14 -29.82
C THR A 36 -2.94 -11.75 -28.38
N TRP A 37 -3.50 -12.67 -27.60
CA TRP A 37 -3.86 -12.36 -26.22
C TRP A 37 -2.70 -11.74 -25.45
N ASN A 38 -1.46 -12.11 -25.79
CA ASN A 38 -0.31 -11.48 -25.16
C ASN A 38 -0.33 -9.97 -25.32
N ARG A 39 -0.85 -9.49 -26.45
CA ARG A 39 -0.95 -8.06 -26.70
C ARG A 39 -2.20 -7.46 -26.10
N TRP A 40 -3.36 -8.10 -26.31
CA TRP A 40 -4.62 -7.58 -25.79
C TRP A 40 -4.61 -7.52 -24.26
N CYS A 41 -4.34 -8.66 -23.62
CA CYS A 41 -4.38 -8.73 -22.17
C CYS A 41 -3.41 -7.75 -21.51
N CYS A 42 -2.42 -7.25 -22.26
CA CYS A 42 -1.48 -6.28 -21.74
C CYS A 42 -1.91 -4.84 -22.01
N ASP A 43 -3.10 -4.64 -22.55
CA ASP A 43 -3.61 -3.28 -22.77
C ASP A 43 -3.62 -2.52 -21.46
N LYS A 44 -3.23 -1.24 -21.52
CA LYS A 44 -3.08 -0.45 -20.30
C LYS A 44 -4.40 -0.23 -19.58
N ARG A 45 -5.54 -0.44 -20.26
CA ARG A 45 -6.82 -0.34 -19.57
C ARG A 45 -6.97 -1.41 -18.48
N LEU A 46 -6.39 -2.59 -18.71
CA LEU A 46 -6.50 -3.71 -17.77
C LEU A 46 -5.47 -3.65 -16.65
N TRP A 47 -4.66 -2.60 -16.58
CA TRP A 47 -3.55 -2.54 -15.63
C TRP A 47 -3.43 -1.16 -15.01
N THR A 48 -4.56 -0.53 -14.69
CA THR A 48 -4.53 0.82 -14.16
C THR A 48 -3.94 0.86 -12.75
N ARG A 49 -4.24 -0.14 -11.93
CA ARG A 49 -3.69 -0.25 -10.58
C ARG A 49 -3.02 -1.62 -10.45
N ILE A 50 -1.69 -1.61 -10.26
CA ILE A 50 -0.92 -2.82 -10.00
C ILE A 50 -0.51 -2.83 -8.54
N ASP A 51 -0.68 -3.98 -7.89
CA ASP A 51 -0.33 -4.17 -6.49
C ASP A 51 0.75 -5.23 -6.42
N LEU A 52 1.91 -4.87 -5.85
CA LEU A 52 3.02 -5.77 -5.66
C LEU A 52 3.33 -6.01 -4.19
N ASN A 53 2.37 -5.73 -3.30
CA ASN A 53 2.63 -5.67 -1.87
C ASN A 53 3.36 -6.92 -1.39
N HIS A 54 4.25 -6.74 -0.40
CA HIS A 54 5.03 -7.83 0.20
C HIS A 54 5.72 -8.69 -0.85
N CYS A 55 6.29 -8.02 -1.89
CA CYS A 55 6.96 -8.72 -2.97
C CYS A 55 8.43 -8.89 -2.62
N LYS A 56 8.88 -10.13 -2.53
CA LYS A 56 10.25 -10.40 -2.08
C LYS A 56 11.28 -9.96 -3.11
N SER A 57 11.10 -10.36 -4.36
CA SER A 57 12.10 -10.13 -5.39
C SER A 57 11.57 -9.20 -6.46
N ILE A 58 12.40 -8.22 -6.82
CA ILE A 58 12.10 -7.28 -7.90
C ILE A 58 13.05 -7.57 -9.04
N THR A 59 12.63 -8.44 -9.96
CA THR A 59 13.49 -8.84 -11.06
C THR A 59 13.41 -7.82 -12.19
N PRO A 60 14.50 -7.62 -12.94
CA PRO A 60 14.44 -6.72 -14.10
C PRO A 60 13.39 -7.13 -15.11
N LEU A 61 12.99 -8.40 -15.14
CA LEU A 61 11.86 -8.81 -15.97
C LEU A 61 10.55 -8.25 -15.42
N LEU A 63 10.14 -5.50 -13.56
CA LEU A 63 10.15 -4.07 -13.84
C LEU A 63 9.74 -3.80 -15.29
N SER A 64 10.38 -4.48 -16.23
CA SER A 64 10.05 -4.30 -17.64
C SER A 64 8.54 -4.47 -17.87
N GLY A 65 7.95 -5.52 -17.28
CA GLY A 65 6.53 -5.74 -17.44
C GLY A 65 5.67 -4.62 -16.88
N ILE A 66 6.13 -3.99 -15.80
CA ILE A 66 5.40 -2.85 -15.23
C ILE A 66 5.38 -1.70 -16.22
N ILE A 67 6.52 -1.39 -16.82
CA ILE A 67 6.59 -0.31 -17.80
C ILE A 67 5.66 -0.57 -18.96
N ARG A 68 5.66 -1.81 -19.46
CA ARG A 68 4.85 -2.14 -20.63
C ARG A 68 3.37 -2.02 -20.33
N ARG A 69 2.97 -2.15 -19.06
CA ARG A 69 1.57 -2.05 -18.68
C ARG A 69 1.11 -0.63 -18.44
N GLN A 70 2.04 0.30 -18.21
CA GLN A 70 1.73 1.72 -18.07
C GLN A 70 0.62 2.00 -17.04
N PRO A 71 0.77 1.55 -15.80
CA PRO A 71 -0.26 1.80 -14.79
C PRO A 71 -0.24 3.24 -14.31
N VAL A 72 -1.38 3.68 -13.79
CA VAL A 72 -1.48 4.98 -13.17
C VAL A 72 -1.30 4.93 -11.65
N SER A 73 -1.56 3.78 -11.03
CA SER A 73 -1.34 3.59 -9.60
C SER A 73 -0.40 2.41 -9.40
N LEU A 74 0.56 2.58 -8.50
CA LEU A 74 1.57 1.58 -8.23
C LEU A 74 1.73 1.44 -6.72
N ASP A 75 1.55 0.22 -6.21
CA ASP A 75 1.65 -0.07 -4.78
C ASP A 75 2.86 -0.96 -4.58
N LEU A 76 3.99 -0.35 -4.17
CA LEU A 76 5.22 -1.08 -3.91
C LEU A 76 5.49 -1.25 -2.41
N SER A 77 4.43 -1.26 -1.60
CA SER A 77 4.61 -1.25 -0.16
C SER A 77 5.18 -2.58 0.34
N TRP A 78 6.05 -2.50 1.34
CA TRP A 78 6.62 -3.67 1.99
C TRP A 78 7.38 -4.58 1.02
N THR A 79 7.90 -3.99 -0.06
CA THR A 79 8.80 -4.69 -0.97
C THR A 79 10.25 -4.31 -0.73
N ASN A 80 10.52 -3.27 0.05
CA ASN A 80 11.86 -2.72 0.23
C ASN A 80 12.62 -2.64 -1.09
N ILE A 81 11.96 -2.04 -2.08
CA ILE A 81 12.60 -1.83 -3.37
C ILE A 81 13.83 -0.94 -3.17
N SER A 82 14.76 -1.03 -4.12
CA SER A 82 15.98 -0.25 -4.06
C SER A 82 15.79 1.08 -4.79
N LYS A 83 16.66 2.04 -4.48
CA LYS A 83 16.63 3.33 -5.16
C LYS A 83 16.86 3.16 -6.66
N LYS A 84 17.68 2.17 -7.05
CA LYS A 84 17.96 1.94 -8.46
C LYS A 84 16.71 1.47 -9.19
N GLN A 85 16.07 0.41 -8.69
CA GLN A 85 14.86 -0.11 -9.32
C GLN A 85 13.72 0.90 -9.31
N LEU A 86 13.62 1.70 -8.25
CA LEU A 86 12.55 2.71 -8.21
C LEU A 86 12.82 3.85 -9.17
N SER A 87 14.08 4.23 -9.35
CA SER A 87 14.42 5.22 -10.37
C SER A 87 14.08 4.71 -11.76
N TRP A 88 14.47 3.46 -12.06
CA TRP A 88 14.11 2.86 -13.34
C TRP A 88 12.63 2.99 -13.61
N LEU A 89 11.80 2.63 -12.63
CA LEU A 89 10.35 2.62 -12.82
C LEU A 89 9.80 4.02 -13.03
N ILE A 90 10.11 4.94 -12.12
CA ILE A 90 9.51 6.27 -12.17
C ILE A 90 10.00 7.11 -13.34
N ASN A 91 11.08 6.71 -14.00
CA ASN A 91 11.53 7.39 -15.22
C ASN A 91 10.90 6.84 -16.49
N ARG A 92 10.27 5.66 -16.42
CA ARG A 92 9.60 5.06 -17.57
C ARG A 92 8.09 5.20 -17.52
N LEU A 93 7.55 5.79 -16.45
CA LEU A 93 6.11 5.81 -16.18
C LEU A 93 5.64 7.25 -16.09
N PRO A 94 5.46 7.93 -17.23
CA PRO A 94 5.07 9.34 -17.18
C PRO A 94 3.68 9.56 -16.58
N GLY A 95 2.77 8.62 -16.75
CA GLY A 95 1.40 8.80 -16.29
C GLY A 95 1.12 8.29 -14.89
N LEU A 96 2.17 8.10 -14.10
CA LEU A 96 2.02 7.63 -12.72
C LEU A 96 1.56 8.77 -11.83
N ARG A 97 0.49 8.55 -11.06
CA ARG A 97 -0.07 9.60 -10.22
C ARG A 97 -0.18 9.15 -8.77
N ASP A 98 -0.38 7.85 -8.55
CA ASP A 98 -0.48 7.28 -7.21
C ASP A 98 0.70 6.35 -7.00
N LEU A 99 1.47 6.59 -5.95
CA LEU A 99 2.64 5.78 -5.62
C LEU A 99 2.63 5.48 -4.13
N VAL A 100 2.56 4.20 -3.78
CA VAL A 100 2.53 3.75 -2.39
C VAL A 100 3.87 3.09 -2.09
N LEU A 101 4.64 3.69 -1.17
CA LEU A 101 5.96 3.20 -0.80
C LEU A 101 6.01 2.80 0.68
N SER A 102 4.87 2.37 1.23
CA SER A 102 4.81 2.06 2.66
C SER A 102 5.81 0.95 3.01
N GLY A 103 6.47 1.12 4.15
CA GLY A 103 7.41 0.13 4.63
C GLY A 103 8.72 0.07 3.88
N CYS A 104 8.98 1.01 2.98
CA CYS A 104 10.22 1.02 2.22
C CYS A 104 11.28 1.85 2.94
N SER A 105 12.37 2.18 2.25
CA SER A 105 13.50 2.89 2.83
C SER A 105 13.61 4.28 2.24
N TRP A 106 14.04 5.24 3.06
CA TRP A 106 14.27 6.58 2.55
C TRP A 106 15.20 6.56 1.35
N ILE A 107 16.24 5.72 1.40
CA ILE A 107 17.18 5.62 0.29
C ILE A 107 16.47 5.29 -1.01
N ALA A 108 15.35 4.57 -0.94
CA ALA A 108 14.56 4.30 -2.13
C ALA A 108 13.65 5.48 -2.46
N VAL A 109 12.93 6.00 -1.46
CA VAL A 109 12.08 7.18 -1.67
C VAL A 109 12.89 8.34 -2.23
N SER A 110 14.19 8.40 -1.92
CA SER A 110 15.04 9.48 -2.41
C SER A 110 15.11 9.53 -3.93
N ALA A 111 14.73 8.45 -4.63
CA ALA A 111 14.70 8.49 -6.09
C ALA A 111 13.71 9.52 -6.62
N LEU A 112 12.72 9.91 -5.83
CA LEU A 112 11.78 10.95 -6.25
C LEU A 112 12.41 12.33 -6.28
N CYS A 113 13.60 12.50 -5.70
CA CYS A 113 14.34 13.75 -5.83
C CYS A 113 14.82 14.00 -7.25
N SER A 114 14.70 13.02 -8.13
CA SER A 114 15.04 13.21 -9.53
C SER A 114 14.18 14.32 -10.14
N SER A 115 14.64 14.82 -11.29
CA SER A 115 13.86 15.80 -12.04
C SER A 115 12.91 15.14 -13.03
N SER A 116 13.08 13.84 -13.31
CA SER A 116 12.21 13.09 -14.18
C SER A 116 11.01 12.49 -13.45
N CYS A 117 10.84 12.81 -12.18
CA CYS A 117 9.78 12.20 -11.39
C CYS A 117 8.42 12.68 -11.87
N PRO A 118 7.48 11.77 -12.13
CA PRO A 118 6.14 12.19 -12.57
C PRO A 118 5.42 12.97 -11.49
N LEU A 119 4.53 13.86 -11.93
CA LEU A 119 3.78 14.73 -11.01
C LEU A 119 2.70 13.90 -10.34
N LEU A 120 3.03 13.37 -9.16
CA LEU A 120 2.12 12.50 -8.44
C LEU A 120 0.99 13.29 -7.81
N ARG A 121 -0.16 12.64 -7.64
CA ARG A 121 -1.26 13.22 -6.88
C ARG A 121 -1.44 12.59 -5.51
N THR A 122 -1.01 11.35 -5.32
CA THR A 122 -1.05 10.71 -4.00
C THR A 122 0.25 9.97 -3.76
N LEU A 123 0.90 10.25 -2.64
CA LEU A 123 2.14 9.60 -2.25
C LEU A 123 1.98 9.03 -0.84
N ASP A 124 2.33 7.75 -0.69
CA ASP A 124 2.22 7.05 0.59
C ASP A 124 3.62 6.67 1.04
N VAL A 125 4.07 7.27 2.14
CA VAL A 125 5.38 6.97 2.71
C VAL A 125 5.22 6.58 4.18
N GLN A 126 4.21 5.77 4.48
CA GLN A 126 3.99 5.35 5.86
C GLN A 126 5.02 4.32 6.27
N TRP A 127 5.66 4.55 7.43
CA TRP A 127 6.55 3.59 8.05
C TRP A 127 7.84 3.34 7.29
N VAL A 128 8.25 4.25 6.40
CA VAL A 128 9.51 4.07 5.70
C VAL A 128 10.66 4.43 6.65
N GLU A 129 11.60 3.51 6.79
CA GLU A 129 12.73 3.71 7.69
C GLU A 129 13.61 4.85 7.20
N GLY A 130 13.97 5.76 8.10
CA GLY A 130 14.95 6.79 7.82
C GLY A 130 14.42 8.07 7.22
N LEU A 131 13.10 8.19 7.03
CA LEU A 131 12.52 9.41 6.48
C LEU A 131 12.24 10.36 7.64
N LYS A 132 13.09 11.38 7.76
CA LYS A 132 13.02 12.36 8.84
C LYS A 132 12.89 13.76 8.23
N ASP A 133 13.00 14.78 9.09
CA ASP A 133 12.90 16.17 8.64
C ASP A 133 13.88 16.46 7.51
N ALA A 134 15.14 16.08 7.69
CA ALA A 134 16.15 16.36 6.68
C ALA A 134 15.81 15.71 5.34
N GLN A 135 15.28 14.50 5.38
CA GLN A 135 14.96 13.81 4.13
C GLN A 135 13.72 14.40 3.47
N ARG A 137 13.07 17.32 3.50
CA ARG A 137 13.57 18.57 2.94
C ARG A 137 14.19 18.35 1.56
N ASP A 138 14.96 17.26 1.41
CA ASP A 138 15.44 16.89 0.07
C ASP A 138 14.27 16.55 -0.85
N LEU A 139 13.26 15.86 -0.31
CA LEU A 139 12.17 15.39 -1.14
C LEU A 139 11.28 16.52 -1.61
N LEU A 140 11.06 17.53 -0.77
CA LEU A 140 10.15 18.62 -1.09
C LEU A 140 10.85 19.84 -1.66
N SER A 141 12.06 20.16 -1.22
CA SER A 141 12.75 21.33 -1.74
C SER A 141 12.93 21.18 -3.25
N PRO A 142 12.80 22.26 -4.02
CA PRO A 142 12.78 22.16 -5.47
C PRO A 142 14.19 22.15 -6.05
N PRO A 143 14.32 21.84 -7.33
CA PRO A 143 15.65 21.63 -7.92
C PRO A 143 16.47 22.90 -8.13
N THR A 144 17.64 22.73 -8.75
CA THR A 144 18.53 23.84 -9.05
C THR A 144 17.87 24.83 -9.99
N ASP A 145 18.30 26.09 -9.88
CA ASP A 145 17.73 27.17 -10.66
C ASP A 145 18.52 28.42 -10.36
N ASN A 146 18.68 29.27 -11.37
CA ASN A 146 19.53 30.45 -11.25
C ASN A 146 18.79 31.73 -10.88
N ARG A 147 17.47 31.72 -10.92
CA ARG A 147 16.72 32.96 -10.65
C ARG A 147 16.90 33.39 -9.20
N PRO A 148 17.00 34.70 -8.94
CA PRO A 148 17.18 35.09 -7.53
C PRO A 148 15.88 35.61 -6.94
N ASN A 153 6.92 27.48 -8.61
CA ASN A 153 7.24 26.23 -7.90
C ASN A 153 7.58 25.12 -8.89
N ARG A 154 8.82 24.64 -8.83
CA ARG A 154 9.27 23.54 -9.68
C ARG A 154 9.40 22.23 -8.90
N SER A 155 8.89 22.18 -7.68
CA SER A 155 8.87 20.92 -6.93
C SER A 155 8.02 19.90 -7.67
N LYS A 156 8.49 18.66 -7.70
CA LYS A 156 7.76 17.61 -8.40
C LYS A 156 6.53 17.12 -7.64
N LEU A 157 6.34 17.54 -6.39
CA LEU A 157 5.16 17.17 -5.62
C LEU A 157 4.10 18.27 -5.62
N ARG A 158 4.14 19.18 -6.60
CA ARG A 158 3.16 20.24 -6.75
C ARG A 158 1.73 19.71 -6.59
N ASN A 159 1.37 18.77 -7.46
CA ASN A 159 -0.02 18.34 -7.63
C ASN A 159 -0.49 17.32 -6.60
N ILE A 160 0.20 17.17 -5.45
CA ILE A 160 -0.18 16.13 -4.50
C ILE A 160 -1.46 16.52 -3.78
N VAL A 161 -2.40 15.59 -3.71
CA VAL A 161 -3.65 15.76 -2.98
C VAL A 161 -3.64 14.99 -1.67
N GLU A 162 -3.25 13.72 -1.72
CA GLU A 162 -3.21 12.86 -0.55
C GLU A 162 -1.77 12.51 -0.22
N LEU A 163 -1.37 12.74 1.03
CA LEU A 163 -0.01 12.47 1.50
C LEU A 163 -0.11 11.71 2.82
N ARG A 164 0.52 10.54 2.89
CA ARG A 164 0.44 9.67 4.05
C ARG A 164 1.81 9.55 4.70
N LEU A 165 1.92 10.04 5.94
CA LEU A 165 3.18 10.12 6.66
C LEU A 165 3.19 9.32 7.95
N ALA A 166 2.35 8.30 8.05
CA ALA A 166 2.17 7.59 9.31
C ALA A 166 3.48 6.95 9.79
N GLY A 167 3.75 7.09 11.08
CA GLY A 167 4.85 6.40 11.72
C GLY A 167 6.22 7.03 11.52
N LEU A 168 6.30 8.25 11.02
CA LEU A 168 7.58 8.87 10.70
C LEU A 168 8.10 9.68 11.88
N ASP A 169 9.40 9.87 11.92
CA ASP A 169 10.08 10.64 12.97
C ASP A 169 10.22 12.11 12.59
N ILE A 170 9.14 12.72 12.12
CA ILE A 170 9.18 14.09 11.64
C ILE A 170 8.67 15.03 12.72
N THR A 171 9.07 16.30 12.63
CA THR A 171 8.65 17.35 13.55
C THR A 171 7.92 18.44 12.76
N ASP A 172 7.52 19.49 13.45
CA ASP A 172 6.84 20.60 12.82
C ASP A 172 7.62 21.16 11.64
N ALA A 173 8.92 20.96 11.63
CA ALA A 173 9.75 21.47 10.53
C ALA A 173 9.36 20.85 9.20
N SER A 174 8.95 19.58 9.19
CA SER A 174 8.51 18.96 7.95
C SER A 174 7.20 19.57 7.46
N LEU A 175 6.42 20.06 8.35
CA LEU A 175 5.12 20.57 7.97
C LEU A 175 5.21 21.93 7.28
N ARG A 176 6.02 22.84 7.79
CA ARG A 176 6.24 24.09 7.07
C ARG A 176 6.62 23.82 5.62
N LEU A 177 7.47 22.81 5.39
CA LEU A 177 7.84 22.48 4.03
C LEU A 177 6.70 21.89 3.24
N ILE A 178 5.66 21.37 3.92
CA ILE A 178 4.50 20.88 3.21
C ILE A 178 3.57 22.02 2.81
N ILE A 179 3.37 22.96 3.72
CA ILE A 179 2.45 24.06 3.44
C ILE A 179 2.99 24.85 2.25
N ARG A 180 4.30 25.06 2.22
CA ARG A 180 4.93 25.82 1.16
C ARG A 180 4.81 25.18 -0.23
N HIS A 181 5.06 23.87 -0.31
CA HIS A 181 5.10 23.22 -1.63
C HIS A 181 3.88 22.39 -2.08
N PRO A 183 0.17 23.15 -2.65
CA PRO A 183 -1.01 24.02 -2.68
C PRO A 183 -2.31 23.21 -2.67
N LEU A 184 -2.29 22.09 -3.39
CA LEU A 184 -3.48 21.28 -3.60
C LEU A 184 -3.76 20.25 -2.52
N LEU A 185 -2.87 20.16 -1.54
CA LEU A 185 -3.02 19.11 -0.53
C LEU A 185 -4.40 19.12 0.11
N SER A 186 -4.99 17.94 0.24
CA SER A 186 -6.34 17.77 0.74
C SER A 186 -6.42 16.75 1.87
N LYS A 187 -5.86 15.55 1.69
CA LYS A 187 -5.86 14.50 2.70
C LYS A 187 -4.44 14.35 3.24
N LEU A 188 -4.29 14.55 4.55
CA LEU A 188 -3.00 14.44 5.23
C LEU A 188 -3.12 13.42 6.36
N HIS A 189 -2.18 12.48 6.40
CA HIS A 189 -2.14 11.43 7.41
C HIS A 189 -0.85 11.59 8.21
N LEU A 190 -0.98 11.87 9.51
CA LEU A 190 0.15 12.06 10.40
C LEU A 190 0.11 11.07 11.57
N SER A 191 -0.43 9.88 11.34
CA SER A 191 -0.63 8.92 12.41
C SER A 191 0.71 8.39 12.94
N TYR A 192 0.75 8.14 14.25
CA TYR A 192 1.95 7.68 14.93
C TYR A 192 3.18 8.53 14.59
N CYS A 193 2.97 9.84 14.51
CA CYS A 193 4.06 10.81 14.38
C CYS A 193 4.08 11.59 15.70
N ASN A 194 4.73 11.02 16.70
CA ASN A 194 4.59 11.49 18.07
C ASN A 194 5.32 12.80 18.35
N HIS A 195 6.19 13.25 17.46
CA HIS A 195 6.81 14.57 17.64
C HIS A 195 5.89 15.70 17.20
N VAL A 196 4.90 15.41 16.35
CA VAL A 196 3.90 16.40 15.99
C VAL A 196 3.27 16.96 17.25
N THR A 197 3.06 18.28 17.27
CA THR A 197 2.38 18.94 18.37
C THR A 197 1.22 19.76 17.81
N ASP A 198 0.41 20.32 18.71
CA ASP A 198 -0.69 21.17 18.29
C ASP A 198 -0.20 22.32 17.43
N GLN A 199 1.03 22.77 17.64
CA GLN A 199 1.56 23.88 16.84
C GLN A 199 1.53 23.54 15.35
N SER A 200 1.79 22.28 15.00
CA SER A 200 1.67 21.86 13.61
C SER A 200 0.29 22.17 13.07
N ILE A 201 -0.75 21.76 13.81
CA ILE A 201 -2.12 22.08 13.42
C ILE A 201 -2.28 23.58 13.25
N ASN A 202 -1.80 24.35 14.23
CA ASN A 202 -1.83 25.79 14.12
C ASN A 202 -1.16 26.27 12.84
N LEU A 203 -0.14 25.56 12.38
CA LEU A 203 0.59 25.97 11.19
C LEU A 203 -0.15 25.59 9.91
N LEU A 204 -0.82 24.44 9.90
CA LEU A 204 -1.57 24.04 8.72
C LEU A 204 -2.82 24.88 8.53
N THR A 205 -3.43 25.34 9.64
CA THR A 205 -4.73 25.99 9.63
C THR A 205 -4.62 27.49 9.85
N ALA A 206 -3.50 28.09 9.45
CA ALA A 206 -3.25 29.49 9.70
C ALA A 206 -3.75 30.36 8.55
N VAL A 207 -4.06 31.61 8.87
CA VAL A 207 -4.42 32.57 7.84
C VAL A 207 -3.29 32.65 6.82
N GLY A 208 -3.65 32.71 5.54
CA GLY A 208 -2.66 32.87 4.50
C GLY A 208 -1.91 31.63 4.10
N THR A 209 -2.35 30.45 4.53
CA THR A 209 -1.76 29.20 4.10
C THR A 209 -2.75 28.47 3.19
N THR A 210 -2.23 27.90 2.11
CA THR A 210 -3.07 27.13 1.20
C THR A 210 -3.80 26.02 1.95
N THR A 211 -3.13 25.41 2.93
CA THR A 211 -3.72 24.27 3.63
C THR A 211 -4.94 24.67 4.44
N ARG A 212 -4.98 25.92 4.93
CA ARG A 212 -6.12 26.34 5.75
C ARG A 212 -7.44 25.98 5.09
N ASP A 213 -7.58 26.31 3.81
CA ASP A 213 -8.79 25.98 3.06
C ASP A 213 -8.63 24.74 2.18
N SER A 214 -7.40 24.23 2.03
CA SER A 214 -7.18 23.07 1.17
C SER A 214 -7.50 21.76 1.87
N LEU A 215 -7.30 21.69 3.18
CA LEU A 215 -7.46 20.44 3.89
C LEU A 215 -8.92 19.99 3.87
N THR A 216 -9.12 18.69 3.68
CA THR A 216 -10.42 18.04 3.78
C THR A 216 -10.44 16.96 4.85
N GLU A 217 -9.39 16.15 4.93
CA GLU A 217 -9.28 15.07 5.87
C GLU A 217 -7.90 15.09 6.51
N ILE A 218 -7.85 14.89 7.82
CA ILE A 218 -6.59 14.83 8.55
C ILE A 218 -6.67 13.69 9.57
N ASN A 219 -5.63 12.87 9.61
CA ASN A 219 -5.56 11.75 10.54
C ASN A 219 -4.40 11.99 11.49
N LEU A 220 -4.73 12.46 12.71
CA LEU A 220 -3.78 12.59 13.79
C LEU A 220 -3.83 11.42 14.76
N SER A 221 -4.37 10.29 14.32
CA SER A 221 -4.63 9.18 15.22
C SER A 221 -3.35 8.74 15.92
N ASP A 222 -3.44 8.58 17.24
CA ASP A 222 -2.39 7.98 18.05
C ASP A 222 -1.15 8.87 18.20
N CYS A 223 -1.31 10.18 18.05
CA CYS A 223 -0.23 11.14 18.36
C CYS A 223 -0.40 11.56 19.82
N ASN A 224 0.64 11.35 20.62
CA ASN A 224 0.51 11.50 22.07
C ASN A 224 0.75 12.91 22.58
N LYS A 225 1.16 13.85 21.72
CA LYS A 225 1.36 15.22 22.15
C LYS A 225 0.26 16.17 21.68
N VAL A 226 -0.67 15.69 20.84
CA VAL A 226 -1.79 16.50 20.41
C VAL A 226 -2.85 16.50 21.50
N THR A 227 -3.42 17.66 21.77
CA THR A 227 -4.43 17.81 22.82
C THR A 227 -5.70 18.42 22.23
N ASP A 228 -6.68 18.68 23.11
CA ASP A 228 -7.92 19.32 22.70
C ASP A 228 -7.70 20.72 22.15
N GLN A 229 -6.49 21.29 22.30
CA GLN A 229 -6.25 22.64 21.82
C GLN A 229 -6.20 22.69 20.29
N CYS A 230 -5.82 21.59 19.64
CA CYS A 230 -5.79 21.59 18.19
C CYS A 230 -7.19 21.75 17.61
N LEU A 231 -8.23 21.33 18.34
CA LEU A 231 -9.59 21.52 17.87
C LEU A 231 -9.89 23.00 17.63
N SER A 232 -9.34 23.88 18.48
CA SER A 232 -9.53 25.32 18.27
C SER A 232 -9.04 25.74 16.89
N PHE A 233 -7.87 25.23 16.48
CA PHE A 233 -7.35 25.58 15.16
C PHE A 233 -8.20 25.00 14.04
N PHE A 234 -8.82 23.84 14.26
CA PHE A 234 -9.62 23.21 13.22
C PHE A 234 -10.87 24.03 12.90
N LYS A 235 -11.41 24.74 13.88
CA LYS A 235 -12.54 25.62 13.60
C LYS A 235 -12.22 26.71 12.59
N ARG A 236 -10.94 26.91 12.27
CA ARG A 236 -10.54 27.88 11.26
C ARG A 236 -10.75 27.37 9.85
N CYS A 237 -10.86 26.06 9.65
CA CYS A 237 -10.87 25.48 8.32
C CYS A 237 -12.26 25.54 7.72
N GLY A 238 -12.35 26.11 6.51
CA GLY A 238 -13.62 26.19 5.83
C GLY A 238 -14.03 24.91 5.12
N ASN A 239 -13.10 23.96 4.94
CA ASN A 239 -13.39 22.76 4.17
C ASN A 239 -13.09 21.46 4.92
N ILE A 240 -12.88 21.51 6.24
CA ILE A 240 -12.56 20.28 6.96
C ILE A 240 -13.78 19.39 7.03
N CYS A 241 -13.60 18.12 6.66
CA CYS A 241 -14.66 17.13 6.73
C CYS A 241 -14.32 15.93 7.60
N HIS A 242 -13.03 15.63 7.77
CA HIS A 242 -12.58 14.44 8.48
C HIS A 242 -11.48 14.85 9.44
N ILE A 243 -11.71 14.61 10.74
CA ILE A 243 -10.72 14.87 11.78
C ILE A 243 -10.64 13.60 12.61
N ASP A 244 -9.60 12.80 12.37
CA ASP A 244 -9.40 11.52 13.07
C ASP A 244 -8.42 11.76 14.21
N LEU A 245 -8.94 11.85 15.43
CA LEU A 245 -8.12 11.99 16.63
C LEU A 245 -8.19 10.75 17.51
N ARG A 246 -8.52 9.60 16.93
CA ARG A 246 -8.67 8.38 17.71
C ARG A 246 -7.34 8.00 18.36
N TYR A 247 -7.42 7.52 19.60
CA TYR A 247 -6.29 6.98 20.36
C TYR A 247 -5.30 8.04 20.80
N CYS A 248 -5.63 9.31 20.65
CA CYS A 248 -4.83 10.39 21.22
C CYS A 248 -5.15 10.45 22.70
N LYS A 249 -4.29 9.87 23.53
CA LYS A 249 -4.53 9.80 24.96
C LYS A 249 -4.75 11.16 25.59
N GLN A 250 -4.22 12.24 25.01
CA GLN A 250 -4.35 13.58 25.55
C GLN A 250 -5.49 14.38 24.93
N VAL A 251 -6.39 13.71 24.19
CA VAL A 251 -7.56 14.32 23.59
C VAL A 251 -8.80 13.69 24.22
N THR A 252 -9.80 14.52 24.50
CA THR A 252 -10.96 14.10 25.27
C THR A 252 -12.21 14.09 24.40
N LYS A 253 -13.04 13.06 24.58
CA LYS A 253 -14.32 13.02 23.90
C LYS A 253 -15.16 14.25 24.22
N GLU A 254 -14.94 14.85 25.39
CA GLU A 254 -15.67 16.07 25.75
C GLU A 254 -15.22 17.25 24.92
N GLY A 255 -13.91 17.42 24.74
CA GLY A 255 -13.42 18.48 23.88
C GLY A 255 -13.93 18.36 22.45
N CYS A 256 -14.16 17.13 21.98
CA CYS A 256 -14.71 16.93 20.65
C CYS A 256 -16.17 17.40 20.60
N GLU A 257 -16.97 16.99 21.58
CA GLU A 257 -18.35 17.47 21.63
C GLU A 257 -18.40 19.00 21.69
N GLN A 258 -17.39 19.63 22.28
CA GLN A 258 -17.33 21.08 22.26
C GLN A 258 -16.96 21.61 20.87
N PHE A 259 -16.24 20.82 20.08
CA PHE A 259 -16.00 21.20 18.70
C PHE A 259 -17.28 21.11 17.89
N ILE A 260 -18.03 20.02 18.05
CA ILE A 260 -19.32 19.89 17.38
C ILE A 260 -20.23 21.04 17.77
N ALA A 261 -20.17 21.47 19.02
CA ALA A 261 -21.07 22.51 19.52
C ALA A 261 -20.67 23.87 18.97
N GLU A 262 -19.43 24.29 19.20
CA GLU A 262 -18.98 25.60 18.76
C GLU A 262 -18.88 25.74 17.25
N SER A 264 -21.41 24.02 15.20
CA SER A 264 -22.70 23.59 14.65
C SER A 264 -23.57 24.74 14.16
N VAL A 265 -23.18 26.00 14.38
CA VAL A 265 -23.87 27.11 13.73
C VAL A 265 -23.70 27.01 12.21
N SER A 266 -22.46 27.03 11.76
CA SER A 266 -22.18 27.05 10.33
C SER A 266 -22.14 25.64 9.74
N VAL A 267 -21.64 24.68 10.50
CA VAL A 267 -21.36 23.34 9.99
C VAL A 267 -21.89 22.31 10.98
N GLN A 268 -22.39 21.20 10.46
CA GLN A 268 -22.98 20.13 11.28
C GLN A 268 -22.02 18.94 11.33
N PHE A 269 -21.29 18.83 12.43
CA PHE A 269 -20.39 17.71 12.66
C PHE A 269 -21.02 16.69 13.60
N GLY A 270 -20.42 15.50 13.64
CA GLY A 270 -20.83 14.45 14.55
C GLY A 270 -19.80 13.34 14.59
N GLN A 271 -19.57 12.78 15.77
CA GLN A 271 -18.58 11.72 15.90
C GLN A 271 -19.14 10.37 15.50
N VAL A 272 -18.60 9.79 14.42
CA VAL A 272 -19.07 8.49 13.97
C VAL A 272 -18.78 7.48 15.06
N GLU A 273 -17.57 7.52 15.57
CA GLU A 273 -17.15 6.66 16.66
C GLU A 273 -16.04 7.34 17.44
N GLU A 274 -16.11 7.29 18.76
CA GLU A 274 -15.04 7.84 19.60
C GLU A 274 -14.62 9.28 19.26
N LYS A 275 -13.32 9.48 19.09
CA LYS A 275 -12.77 10.80 18.80
C LYS A 275 -12.74 11.18 17.32
N LEU A 276 -13.18 10.29 16.44
CA LEU A 276 -13.22 10.59 15.02
C LEU A 276 -14.34 11.58 14.75
N LEU A 277 -14.05 12.65 14.01
CA LEU A 277 -15.05 13.68 13.71
C LEU A 277 -15.33 13.75 12.22
N GLN A 278 -16.60 13.80 11.84
CA GLN A 278 -16.93 13.83 10.42
C GLN A 278 -18.11 14.74 10.17
N LYS A 279 -17.96 15.65 9.22
CA LYS A 279 -19.05 16.52 8.82
C LYS A 279 -20.16 15.69 8.19
N LEU A 280 -21.39 15.84 8.71
CA LEU A 280 -22.52 15.06 8.23
C LEU A 280 -23.08 15.59 6.92
N PRO B 1 -49.35 -2.83 -24.94
CA PRO B 1 -48.73 -2.51 -26.24
C PRO B 1 -47.64 -3.50 -26.59
N SER B 2 -47.27 -3.58 -27.87
CA SER B 2 -46.23 -4.48 -28.32
C SER B 2 -45.44 -3.81 -29.44
N ILE B 3 -44.40 -4.50 -29.90
CA ILE B 3 -43.50 -4.02 -30.94
C ILE B 3 -43.08 -5.22 -31.78
N LYS B 4 -43.02 -5.02 -33.09
CA LYS B 4 -42.64 -6.07 -34.02
C LYS B 4 -41.17 -5.93 -34.38
N LEU B 5 -40.38 -6.95 -34.06
CA LEU B 5 -38.95 -6.97 -34.34
C LEU B 5 -38.67 -8.02 -35.40
N GLN B 6 -37.87 -7.64 -36.39
CA GLN B 6 -37.53 -8.55 -37.49
C GLN B 6 -36.05 -8.92 -37.40
N SER B 7 -35.77 -10.21 -37.30
CA SER B 7 -34.40 -10.69 -37.37
C SER B 7 -33.80 -10.33 -38.72
N SER B 8 -32.49 -10.48 -38.83
CA SER B 8 -31.84 -10.30 -40.12
C SER B 8 -32.17 -11.43 -41.09
N ASP B 9 -32.55 -12.61 -40.56
CA ASP B 9 -33.09 -13.69 -41.38
C ASP B 9 -34.61 -13.60 -41.54
N GLY B 10 -35.20 -12.41 -41.34
CA GLY B 10 -36.56 -12.14 -41.71
C GLY B 10 -37.61 -12.45 -40.67
N GLU B 11 -37.31 -13.32 -39.70
CA GLU B 11 -38.33 -13.73 -38.74
C GLU B 11 -38.80 -12.54 -37.89
N ILE B 12 -40.06 -12.59 -37.48
CA ILE B 12 -40.72 -11.49 -36.79
C ILE B 12 -41.17 -11.96 -35.41
N PHE B 13 -40.98 -11.10 -34.41
CA PHE B 13 -41.35 -11.42 -33.05
C PHE B 13 -42.22 -10.34 -32.43
N GLU B 14 -43.12 -10.74 -31.54
CA GLU B 14 -43.99 -9.80 -30.85
C GLU B 14 -43.55 -9.68 -29.40
N VAL B 15 -43.13 -8.49 -29.00
CA VAL B 15 -42.56 -8.27 -27.68
C VAL B 15 -43.15 -7.04 -26.99
N ASP B 16 -43.34 -7.13 -25.68
CA ASP B 16 -43.78 -5.99 -24.90
C ASP B 16 -42.74 -4.88 -24.99
N VAL B 17 -43.22 -3.65 -25.20
CA VAL B 17 -42.32 -2.51 -25.34
C VAL B 17 -41.43 -2.38 -24.10
N GLU B 18 -42.02 -2.50 -22.91
CA GLU B 18 -41.23 -2.39 -21.69
C GLU B 18 -40.21 -3.50 -21.56
N ILE B 19 -40.49 -4.66 -22.17
CA ILE B 19 -39.48 -5.71 -22.24
C ILE B 19 -38.44 -5.38 -23.29
N ALA B 20 -38.86 -4.76 -24.40
CA ALA B 20 -37.94 -4.51 -25.51
C ALA B 20 -37.00 -3.36 -25.21
N LYS B 21 -37.45 -2.35 -24.45
CA LYS B 21 -36.59 -1.22 -24.13
C LYS B 21 -35.38 -1.61 -23.31
N GLN B 22 -35.38 -2.79 -22.68
CA GLN B 22 -34.16 -3.30 -22.07
C GLN B 22 -32.96 -3.13 -22.98
N SER B 23 -33.17 -3.35 -24.28
CA SER B 23 -32.18 -2.99 -25.28
C SER B 23 -32.21 -1.47 -25.44
N VAL B 24 -31.17 -0.80 -24.95
CA VAL B 24 -31.08 0.65 -25.14
C VAL B 24 -31.19 0.99 -26.62
N THR B 25 -30.56 0.18 -27.47
CA THR B 25 -30.64 0.40 -28.92
C THR B 25 -32.09 0.48 -29.39
N ILE B 26 -32.86 -0.59 -29.13
CA ILE B 26 -34.25 -0.60 -29.55
C ILE B 26 -35.02 0.57 -28.93
N LYS B 27 -34.74 0.89 -27.67
CA LYS B 27 -35.43 2.00 -27.04
C LYS B 27 -35.23 3.29 -27.80
N THR B 28 -34.00 3.56 -28.26
CA THR B 28 -33.71 4.80 -28.96
C THR B 28 -34.18 4.79 -30.41
N LEU B 30 -37.31 3.42 -31.07
CA LEU B 30 -38.73 3.70 -30.85
C LEU B 30 -38.98 5.19 -30.68
N GLU B 31 -38.18 5.85 -29.84
CA GLU B 31 -38.33 7.29 -29.69
C GLU B 31 -38.09 8.02 -31.01
N ASP B 32 -37.10 7.57 -31.78
CA ASP B 32 -36.75 8.24 -33.03
C ASP B 32 -37.97 8.47 -33.93
N LEU B 33 -38.86 7.46 -34.07
CA LEU B 33 -40.03 7.59 -34.93
C LEU B 33 -41.25 6.83 -34.42
N GLY B 34 -42.04 6.34 -35.33
CA GLY B 34 -43.30 5.70 -34.99
C GLY B 34 -44.48 6.55 -35.41
N PRO B 43 -42.17 -4.14 -39.29
CA PRO B 43 -41.37 -4.41 -38.10
C PRO B 43 -40.10 -3.58 -38.03
N VAL B 44 -39.55 -3.37 -36.83
CA VAL B 44 -38.26 -2.70 -36.70
C VAL B 44 -37.19 -3.70 -37.13
N PRO B 45 -36.41 -3.41 -38.16
CA PRO B 45 -35.43 -4.41 -38.65
C PRO B 45 -34.22 -4.46 -37.73
N LEU B 46 -33.88 -5.67 -37.31
CA LEU B 46 -32.64 -5.90 -36.56
C LEU B 46 -31.68 -6.63 -37.48
N PRO B 47 -31.01 -5.91 -38.39
CA PRO B 47 -30.19 -6.57 -39.41
C PRO B 47 -28.99 -7.30 -38.85
N ASN B 48 -28.64 -7.09 -37.58
CA ASN B 48 -27.42 -7.62 -37.01
C ASN B 48 -27.67 -8.78 -36.03
N VAL B 49 -28.87 -9.35 -36.01
CA VAL B 49 -29.21 -10.38 -35.03
C VAL B 49 -29.97 -11.52 -35.72
N ASN B 50 -29.47 -12.73 -35.52
CA ASN B 50 -30.14 -13.95 -35.96
C ASN B 50 -31.49 -14.09 -35.23
N ALA B 51 -32.27 -15.07 -35.67
CA ALA B 51 -33.59 -15.33 -35.08
C ALA B 51 -33.46 -16.06 -33.74
N ALA B 52 -32.81 -17.22 -33.72
CA ALA B 52 -32.66 -17.98 -32.48
C ALA B 52 -31.93 -17.16 -31.42
N ILE B 53 -30.96 -16.35 -31.83
CA ILE B 53 -30.35 -15.39 -30.91
C ILE B 53 -31.39 -14.43 -30.38
N LEU B 54 -32.10 -13.75 -31.29
CA LEU B 54 -33.16 -12.84 -30.88
C LEU B 54 -34.25 -13.54 -30.08
N LYS B 55 -34.38 -14.86 -30.24
CA LYS B 55 -35.38 -15.59 -29.46
C LYS B 55 -34.96 -15.70 -28.00
N LYS B 56 -33.67 -15.99 -27.76
CA LYS B 56 -33.20 -16.09 -26.38
C LYS B 56 -33.00 -14.73 -25.73
N VAL B 57 -32.57 -13.72 -26.49
CA VAL B 57 -32.49 -12.37 -25.93
C VAL B 57 -33.85 -11.95 -25.40
N ILE B 58 -34.90 -12.17 -26.18
CA ILE B 58 -36.25 -11.88 -25.70
C ILE B 58 -36.54 -12.64 -24.42
N GLN B 59 -36.14 -13.91 -24.37
CA GLN B 59 -36.32 -14.69 -23.14
C GLN B 59 -35.66 -14.00 -21.96
N TRP B 60 -34.37 -13.69 -22.08
CA TRP B 60 -33.64 -13.09 -20.97
C TRP B 60 -34.29 -11.79 -20.53
N CYS B 61 -34.69 -10.94 -21.49
CA CYS B 61 -35.29 -9.65 -21.12
C CYS B 61 -36.62 -9.84 -20.41
N THR B 62 -37.40 -10.85 -20.82
CA THR B 62 -38.67 -11.09 -20.16
C THR B 62 -38.48 -11.53 -18.71
N HIS B 63 -37.38 -12.21 -18.42
CA HIS B 63 -37.10 -12.62 -17.04
C HIS B 63 -36.63 -11.45 -16.19
N HIS B 64 -35.89 -10.51 -16.77
CA HIS B 64 -35.33 -9.39 -16.04
C HIS B 64 -36.15 -8.11 -16.20
N LYS B 65 -37.36 -8.20 -16.73
CA LYS B 65 -38.16 -7.01 -16.98
C LYS B 65 -38.53 -6.28 -15.68
N ASP B 66 -38.39 -6.92 -14.53
CA ASP B 66 -38.80 -6.32 -13.26
C ASP B 66 -37.62 -6.02 -12.34
N ASP B 67 -36.39 -6.11 -12.83
CA ASP B 67 -35.23 -5.98 -11.96
C ASP B 67 -35.14 -4.55 -11.43
N PRO B 68 -34.72 -4.37 -10.18
CA PRO B 68 -34.36 -3.01 -9.74
C PRO B 68 -33.10 -2.55 -10.46
N PRO B 69 -32.79 -1.26 -10.45
CA PRO B 69 -31.54 -0.80 -11.08
C PRO B 69 -30.33 -1.25 -10.31
N PRO B 70 -29.23 -1.50 -11.00
CA PRO B 70 -28.07 -2.14 -10.36
C PRO B 70 -27.13 -1.11 -9.79
N PRO B 71 -26.71 -1.28 -8.54
CA PRO B 71 -25.82 -0.30 -7.89
C PRO B 71 -24.44 -0.38 -8.51
N GLU B 72 -23.90 0.76 -8.94
CA GLU B 72 -22.60 0.81 -9.65
C GLU B 72 -21.69 1.87 -9.03
N ASP B 73 -20.83 1.45 -8.11
CA ASP B 73 -19.85 2.34 -7.46
C ASP B 73 -18.49 1.84 -7.86
N ASN B 76 -16.95 0.72 -4.64
CA ASN B 76 -17.66 -0.34 -3.93
C ASN B 76 -18.01 -1.48 -4.86
N LYS B 77 -18.61 -1.14 -6.00
CA LYS B 77 -19.04 -2.13 -6.96
C LYS B 77 -18.14 -2.11 -8.18
N GLU B 78 -17.49 -3.24 -8.44
CA GLU B 78 -16.49 -3.31 -9.49
C GLU B 78 -16.48 -4.73 -10.07
N LYS B 79 -15.70 -4.94 -11.12
CA LYS B 79 -15.76 -6.20 -11.82
C LYS B 79 -15.51 -7.37 -10.90
N ARG B 80 -16.39 -8.35 -11.00
CA ARG B 80 -16.39 -9.54 -10.18
C ARG B 80 -17.20 -10.58 -10.95
N THR B 81 -16.81 -11.84 -10.81
CA THR B 81 -17.41 -12.90 -11.61
C THR B 81 -18.30 -13.87 -10.82
N ASP B 82 -18.40 -13.68 -9.51
CA ASP B 82 -19.20 -14.53 -8.65
C ASP B 82 -20.64 -14.03 -8.52
N ASP B 83 -21.08 -13.18 -9.43
CA ASP B 83 -22.29 -12.37 -9.28
C ASP B 83 -23.48 -12.93 -10.03
N ILE B 84 -23.31 -14.04 -10.75
CA ILE B 84 -24.28 -14.51 -11.73
C ILE B 84 -25.49 -15.14 -11.03
N PRO B 85 -26.69 -14.59 -11.20
CA PRO B 85 -27.88 -15.21 -10.60
C PRO B 85 -28.07 -16.65 -11.07
N VAL B 86 -28.73 -17.44 -10.23
CA VAL B 86 -28.95 -18.85 -10.55
C VAL B 86 -29.63 -19.00 -11.90
N TRP B 87 -30.74 -18.29 -12.10
CA TRP B 87 -31.50 -18.43 -13.34
C TRP B 87 -30.61 -18.16 -14.55
N ASP B 88 -29.78 -17.13 -14.49
CA ASP B 88 -28.93 -16.79 -15.63
C ASP B 88 -27.91 -17.90 -15.89
N GLN B 89 -27.42 -18.53 -14.83
CA GLN B 89 -26.49 -19.64 -15.01
C GLN B 89 -27.13 -20.78 -15.78
N GLU B 90 -28.40 -21.06 -15.51
CA GLU B 90 -29.10 -22.11 -16.25
C GLU B 90 -29.42 -21.68 -17.67
N PHE B 91 -29.96 -20.48 -17.84
CA PHE B 91 -30.22 -19.95 -19.16
C PHE B 91 -28.96 -19.93 -20.02
N LEU B 92 -27.78 -19.82 -19.39
CA LEU B 92 -26.52 -19.70 -20.11
C LEU B 92 -25.80 -21.02 -20.29
N LYS B 93 -26.44 -22.15 -19.97
CA LYS B 93 -25.85 -23.46 -20.28
C LYS B 93 -26.18 -23.80 -21.73
N VAL B 94 -25.40 -23.20 -22.62
CA VAL B 94 -25.55 -23.36 -24.06
C VAL B 94 -24.19 -23.72 -24.65
N ASP B 95 -24.15 -23.91 -25.97
CA ASP B 95 -22.89 -24.20 -26.62
C ASP B 95 -22.06 -22.93 -26.80
N GLN B 96 -20.74 -23.11 -26.83
CA GLN B 96 -19.83 -21.97 -26.91
C GLN B 96 -20.20 -20.99 -28.02
N GLY B 97 -20.70 -21.50 -29.15
CA GLY B 97 -21.14 -20.62 -30.21
C GLY B 97 -22.24 -19.68 -29.77
N THR B 98 -23.36 -20.24 -29.32
CA THR B 98 -24.47 -19.42 -28.83
C THR B 98 -24.01 -18.42 -27.78
N LEU B 99 -23.03 -18.79 -26.95
CA LEU B 99 -22.58 -17.89 -25.90
C LEU B 99 -21.95 -16.63 -26.46
N PHE B 100 -21.03 -16.78 -27.41
CA PHE B 100 -20.43 -15.62 -28.04
C PHE B 100 -21.46 -14.82 -28.83
N GLU B 101 -22.33 -15.50 -29.56
CA GLU B 101 -23.40 -14.79 -30.26
C GLU B 101 -24.24 -13.98 -29.29
N LEU B 102 -24.43 -14.50 -28.07
CA LEU B 102 -25.17 -13.74 -27.06
C LEU B 102 -24.44 -12.47 -26.66
N ILE B 103 -23.11 -12.53 -26.57
CA ILE B 103 -22.33 -11.34 -26.28
C ILE B 103 -22.48 -10.32 -27.40
N LEU B 104 -22.23 -10.75 -28.64
CA LEU B 104 -22.37 -9.85 -29.77
C LEU B 104 -23.76 -9.24 -29.83
N ALA B 105 -24.80 -10.05 -29.60
CA ALA B 105 -26.17 -9.54 -29.59
C ALA B 105 -26.34 -8.48 -28.50
N ALA B 106 -25.73 -8.70 -27.33
CA ALA B 106 -25.88 -7.75 -26.23
C ALA B 106 -25.18 -6.43 -26.56
N ASN B 107 -24.04 -6.49 -27.23
CA ASN B 107 -23.38 -5.25 -27.66
C ASN B 107 -24.21 -4.52 -28.71
N TYR B 108 -24.72 -5.26 -29.71
CA TYR B 108 -25.49 -4.62 -30.76
C TYR B 108 -26.78 -4.01 -30.21
N LEU B 109 -27.45 -4.70 -29.29
CA LEU B 109 -28.67 -4.20 -28.71
C LEU B 109 -28.44 -3.37 -27.44
N ASP B 110 -27.21 -3.35 -26.93
CA ASP B 110 -26.85 -2.55 -25.75
C ASP B 110 -27.72 -2.92 -24.55
N ILE B 111 -27.51 -4.15 -24.08
CA ILE B 111 -28.17 -4.69 -22.89
C ILE B 111 -27.05 -5.07 -21.93
N LYS B 112 -26.70 -4.16 -21.03
CA LYS B 112 -25.53 -4.38 -20.19
C LYS B 112 -25.72 -5.54 -19.22
N GLY B 113 -26.94 -5.74 -18.72
CA GLY B 113 -27.18 -6.89 -17.86
C GLY B 113 -26.85 -8.20 -18.56
N LEU B 114 -27.29 -8.35 -19.81
CA LEU B 114 -26.98 -9.55 -20.57
C LEU B 114 -25.52 -9.58 -20.98
N LEU B 115 -24.96 -8.41 -21.32
CA LEU B 115 -23.55 -8.35 -21.69
C LEU B 115 -22.66 -8.72 -20.51
N ASP B 116 -22.96 -8.19 -19.33
CA ASP B 116 -22.15 -8.47 -18.16
C ASP B 116 -22.26 -9.93 -17.72
N VAL B 117 -23.46 -10.50 -17.84
CA VAL B 117 -23.68 -11.86 -17.33
C VAL B 117 -23.10 -12.91 -18.28
N THR B 118 -23.05 -12.62 -19.57
CA THR B 118 -22.45 -13.55 -20.53
C THR B 118 -20.93 -13.50 -20.47
N CYS B 119 -20.37 -12.30 -20.27
CA CYS B 119 -18.92 -12.20 -20.09
C CYS B 119 -18.47 -12.87 -18.80
N LYS B 120 -19.26 -12.73 -17.73
CA LYS B 120 -18.93 -13.41 -16.48
C LYS B 120 -18.87 -14.92 -16.68
N THR B 121 -19.78 -15.46 -17.50
CA THR B 121 -19.74 -16.90 -17.78
C THR B 121 -18.46 -17.28 -18.50
N VAL B 122 -18.16 -16.62 -19.62
CA VAL B 122 -16.94 -16.90 -20.36
C VAL B 122 -15.73 -16.77 -19.44
N ALA B 123 -15.66 -15.69 -18.67
CA ALA B 123 -14.54 -15.50 -17.75
C ALA B 123 -14.44 -16.67 -16.77
N ASN B 124 -15.59 -17.17 -16.30
CA ASN B 124 -15.56 -18.29 -15.36
C ASN B 124 -14.93 -19.53 -15.97
N ILE B 126 -12.44 -19.56 -17.84
CA ILE B 126 -11.01 -19.28 -17.93
C ILE B 126 -10.34 -19.38 -16.57
N LYS B 127 -10.91 -18.72 -15.56
CA LYS B 127 -10.28 -18.63 -14.25
C LYS B 127 -9.76 -19.99 -13.77
N GLY B 128 -8.61 -19.96 -13.11
CA GLY B 128 -8.02 -21.15 -12.54
C GLY B 128 -7.40 -22.12 -13.51
N LYS B 129 -7.63 -21.97 -14.81
CA LYS B 129 -7.18 -22.94 -15.80
C LYS B 129 -5.87 -22.51 -16.44
N THR B 130 -5.14 -23.51 -16.95
CA THR B 130 -3.84 -23.28 -17.56
C THR B 130 -4.02 -22.78 -18.99
N PRO B 131 -2.94 -22.30 -19.60
CA PRO B 131 -3.02 -21.93 -21.03
C PRO B 131 -3.52 -23.05 -21.91
N GLU B 132 -3.04 -24.29 -21.70
CA GLU B 132 -3.44 -25.39 -22.55
C GLU B 132 -4.93 -25.70 -22.39
N GLU B 133 -5.44 -25.63 -21.17
CA GLU B 133 -6.87 -25.86 -20.95
C GLU B 133 -7.69 -24.78 -21.62
N ILE B 134 -7.29 -23.51 -21.45
CA ILE B 134 -7.93 -22.41 -22.16
C ILE B 134 -8.04 -22.73 -23.63
N ARG B 135 -6.93 -23.11 -24.25
CA ARG B 135 -6.93 -23.43 -25.68
C ARG B 135 -7.86 -24.59 -25.98
N LYS B 136 -7.82 -25.63 -25.16
CA LYS B 136 -8.73 -26.76 -25.34
C LYS B 136 -10.17 -26.32 -25.17
N THR B 137 -10.44 -25.52 -24.13
CA THR B 137 -11.78 -25.00 -23.92
C THR B 137 -12.26 -24.19 -25.12
N PHE B 138 -11.41 -23.28 -25.60
CA PHE B 138 -11.82 -22.32 -26.61
C PHE B 138 -11.38 -22.67 -28.02
N ASN B 139 -10.60 -23.74 -28.21
CA ASN B 139 -10.14 -24.12 -29.54
C ASN B 139 -9.16 -23.08 -30.09
N ILE B 140 -8.31 -22.54 -29.23
CA ILE B 140 -7.39 -21.47 -29.60
C ILE B 140 -6.07 -22.09 -30.05
N LYS B 141 -5.75 -21.92 -31.34
CA LYS B 141 -4.51 -22.40 -31.91
C LYS B 141 -3.30 -21.70 -31.29
N ASN B 142 -2.44 -22.46 -30.61
CA ASN B 142 -1.21 -21.86 -30.08
C ASN B 142 -0.30 -21.47 -31.25
N ASP B 143 0.22 -20.24 -31.23
CA ASP B 143 1.13 -19.79 -32.28
C ASP B 143 2.55 -19.47 -31.82
N PHE B 144 2.81 -19.71 -30.55
CA PHE B 144 4.11 -19.39 -29.97
C PHE B 144 5.18 -20.35 -30.44
N THR B 145 6.32 -19.81 -30.86
CA THR B 145 7.50 -20.62 -31.06
C THR B 145 7.85 -21.04 -29.65
N GLU B 146 8.39 -22.24 -29.49
CA GLU B 146 8.52 -22.79 -28.14
C GLU B 146 9.36 -21.84 -27.32
N GLU B 147 10.37 -21.25 -27.96
CA GLU B 147 11.18 -20.27 -27.29
C GLU B 147 10.26 -19.12 -26.88
N GLU B 148 9.34 -18.75 -27.77
CA GLU B 148 8.39 -17.69 -27.48
C GLU B 148 7.44 -17.99 -26.32
N GLU B 149 6.91 -19.22 -26.27
CA GLU B 149 5.98 -19.63 -25.22
C GLU B 149 6.67 -19.80 -23.87
N ALA B 150 7.84 -20.42 -23.89
CA ALA B 150 8.66 -20.58 -22.70
C ALA B 150 9.11 -19.20 -22.22
N GLN B 151 9.45 -18.35 -23.17
CA GLN B 151 9.96 -17.02 -22.84
C GLN B 151 8.89 -16.26 -22.09
N VAL B 152 7.69 -16.37 -22.59
CA VAL B 152 6.61 -15.56 -22.06
C VAL B 152 6.27 -15.94 -20.63
N ARG B 153 5.93 -17.13 -20.41
CA ARG B 153 5.57 -17.56 -19.07
C ARG B 153 6.76 -17.37 -18.14
N LYS B 154 7.93 -17.79 -18.59
CA LYS B 154 9.17 -17.58 -17.86
C LYS B 154 9.56 -16.12 -17.99
N GLU B 155 8.97 -15.44 -18.97
CA GLU B 155 9.25 -14.04 -19.19
C GLU B 155 8.81 -13.24 -17.98
N ASN B 156 7.66 -13.62 -17.42
CA ASN B 156 7.21 -12.96 -16.21
C ASN B 156 6.49 -13.85 -15.22
N GLN B 157 6.62 -13.52 -13.94
CA GLN B 157 5.82 -14.13 -12.90
C GLN B 157 5.15 -13.03 -12.10
N TRP B 158 3.85 -13.17 -11.90
CA TRP B 158 3.07 -12.23 -11.10
C TRP B 158 3.71 -12.07 -9.73
N HIS C 11 23.99 5.03 -2.32
CA HIS C 11 24.63 3.74 -2.19
C HIS C 11 23.66 2.62 -2.54
N SER C 12 24.17 1.53 -3.12
CA SER C 12 23.32 0.51 -3.71
C SER C 12 22.68 -0.44 -2.71
N LYS C 13 23.19 -0.53 -1.49
CA LYS C 13 22.63 -1.42 -0.48
C LYS C 13 22.23 -0.72 0.81
N ALA C 14 22.21 0.62 0.82
CA ALA C 14 21.85 1.34 2.04
C ALA C 14 20.43 1.06 2.49
N HIS C 15 19.63 0.36 1.69
CA HIS C 15 18.22 0.12 2.01
C HIS C 15 17.98 -1.21 2.70
N TYR C 16 18.99 -2.05 2.85
CA TYR C 16 18.79 -3.34 3.51
C TYR C 16 18.29 -3.14 4.94
N TYR C 17 17.49 -4.08 5.42
CA TYR C 17 17.06 -4.07 6.81
C TYR C 17 18.25 -4.08 7.76
N ARG C 18 19.41 -4.52 7.29
CA ARG C 18 20.61 -4.54 8.11
C ARG C 18 20.83 -3.22 8.82
N TYR C 19 20.54 -2.11 8.14
CA TYR C 19 20.90 -0.78 8.64
C TYR C 19 19.75 -0.04 9.30
N ASP C 20 18.56 -0.63 9.35
CA ASP C 20 17.44 0.02 10.01
C ASP C 20 17.74 0.27 11.48
N GLU C 21 16.99 1.21 12.07
CA GLU C 21 17.00 1.34 13.52
C GLU C 21 16.56 0.03 14.16
N GLN C 22 17.12 -0.26 15.31
CA GLN C 22 16.85 -1.51 16.03
C GLN C 22 16.06 -1.21 17.30
N LEU C 23 15.21 -2.16 17.68
CA LEU C 23 14.48 -2.08 18.94
C LEU C 23 14.63 -3.40 19.68
N ASN C 24 14.47 -3.33 21.01
CA ASN C 24 14.72 -4.45 21.89
C ASN C 24 13.41 -5.01 22.43
N LEU C 25 13.27 -6.32 22.38
CA LEU C 25 12.09 -7.01 22.86
C LEU C 25 12.48 -7.99 23.96
N CYS C 26 11.56 -8.23 24.89
CA CYS C 26 11.66 -9.33 25.83
C CYS C 26 10.46 -10.24 25.63
N LEU C 27 10.71 -11.53 25.47
CA LEU C 27 9.67 -12.53 25.23
C LEU C 27 9.57 -13.42 26.47
N GLU C 28 8.46 -13.31 27.18
CA GLU C 28 8.14 -14.19 28.29
C GLU C 28 7.01 -15.12 27.88
N ARG C 29 7.02 -16.33 28.43
CA ARG C 29 6.03 -17.33 28.07
C ARG C 29 4.71 -17.06 28.78
N LEU C 30 3.63 -17.05 28.02
CA LEU C 30 2.30 -16.83 28.59
C LEU C 30 2.01 -17.90 29.64
N SER C 31 1.44 -17.46 30.76
CA SER C 31 1.10 -18.36 31.86
C SER C 31 -0.31 -18.10 32.37
N ASN C 43 12.88 -17.10 29.33
CA ASN C 43 12.94 -15.67 29.09
C ASN C 43 14.01 -15.35 28.04
N LYS C 44 13.59 -14.73 26.94
CA LYS C 44 14.49 -14.46 25.83
C LYS C 44 14.48 -12.98 25.48
N TYR C 45 15.61 -12.51 24.97
CA TYR C 45 15.80 -11.11 24.59
C TYR C 45 16.19 -11.06 23.11
N VAL C 46 15.49 -10.22 22.36
CA VAL C 46 15.64 -10.16 20.91
C VAL C 46 15.74 -8.71 20.48
N ARG C 47 16.64 -8.44 19.53
CA ARG C 47 16.76 -7.14 18.89
C ARG C 47 16.59 -7.34 17.40
N CYS C 48 15.85 -6.43 16.75
CA CYS C 48 15.57 -6.58 15.34
C CYS C 48 15.21 -5.23 14.75
N SER C 49 15.08 -5.20 13.43
CA SER C 49 14.71 -4.00 12.71
C SER C 49 13.32 -3.53 13.13
N VAL C 50 13.12 -2.21 13.09
CA VAL C 50 11.80 -1.65 13.34
C VAL C 50 10.80 -2.10 12.27
N ARG C 51 11.28 -2.57 11.13
CA ARG C 51 10.42 -3.07 10.07
C ARG C 51 10.19 -4.56 10.11
N ALA C 52 10.85 -5.28 11.02
CA ALA C 52 10.55 -6.69 11.19
C ALA C 52 9.10 -6.86 11.63
N GLU C 53 8.43 -7.85 11.05
CA GLU C 53 7.01 -8.07 11.31
C GLU C 53 6.82 -9.22 12.29
N VAL C 54 5.62 -9.26 12.88
CA VAL C 54 5.29 -10.31 13.85
C VAL C 54 5.62 -11.68 13.28
N ARG C 55 5.20 -11.94 12.04
CA ARG C 55 5.45 -13.25 11.44
C ARG C 55 6.92 -13.61 11.46
N HIS C 56 7.80 -12.62 11.25
CA HIS C 56 9.24 -12.91 11.33
C HIS C 56 9.63 -13.33 12.74
N LEU C 57 9.08 -12.68 13.76
CA LEU C 57 9.44 -13.00 15.13
C LEU C 57 8.87 -14.36 15.53
N ARG C 58 7.64 -14.66 15.10
CA ARG C 58 7.16 -16.03 15.23
C ARG C 58 8.07 -17.00 14.49
N ARG C 59 8.52 -16.62 13.29
CA ARG C 59 9.49 -17.45 12.58
C ARG C 59 10.66 -17.82 13.48
N VAL C 60 11.16 -16.85 14.26
CA VAL C 60 12.39 -17.06 15.04
C VAL C 60 12.14 -17.95 16.24
N LEU C 61 11.01 -17.75 16.93
CA LEU C 61 10.66 -18.62 18.05
C LEU C 61 10.62 -20.08 17.62
N CYS C 62 10.00 -20.35 16.47
CA CYS C 62 9.85 -21.72 15.99
C CYS C 62 11.19 -22.44 15.93
N HIS C 63 12.19 -21.82 15.29
CA HIS C 63 13.50 -22.44 15.22
C HIS C 63 14.06 -22.70 16.61
N ARG C 64 13.95 -21.70 17.50
CA ARG C 64 14.47 -21.85 18.85
C ARG C 64 13.76 -22.96 19.62
N LEU C 65 12.48 -23.19 19.32
CA LEU C 65 11.69 -24.20 20.01
C LEU C 65 11.39 -25.41 19.13
N LEU C 67 9.38 -25.80 16.67
CA LEU C 67 7.93 -25.84 16.56
C LEU C 67 7.51 -25.39 15.16
N ASN C 68 6.20 -25.39 14.93
CA ASN C 68 5.65 -24.85 13.70
C ASN C 68 4.80 -23.61 13.99
N PRO C 69 4.79 -22.65 13.07
CA PRO C 69 3.97 -21.44 13.29
C PRO C 69 2.55 -21.70 13.81
N GLN C 70 1.88 -22.77 13.38
CA GLN C 70 0.52 -23.08 13.86
C GLN C 70 0.42 -23.10 15.39
N HIS C 71 1.55 -23.32 16.06
CA HIS C 71 1.52 -23.60 17.49
C HIS C 71 2.28 -22.55 18.29
N VAL C 72 2.78 -21.50 17.65
CA VAL C 72 3.36 -20.35 18.36
C VAL C 72 2.51 -19.14 18.04
N GLN C 73 2.05 -18.45 19.07
CA GLN C 73 1.34 -17.19 18.93
C GLN C 73 2.04 -16.14 19.76
N LEU C 74 2.13 -14.93 19.22
CA LEU C 74 2.74 -13.78 19.89
C LEU C 74 1.62 -12.86 20.34
N LEU C 75 1.65 -12.46 21.61
CA LEU C 75 0.56 -11.72 22.22
C LEU C 75 1.06 -10.47 22.94
N PHE C 76 0.15 -9.51 23.10
CA PHE C 76 0.34 -8.39 24.02
C PHE C 76 -0.99 -8.12 24.69
N ASP C 77 -0.97 -7.97 26.02
CA ASP C 77 -2.19 -7.81 26.80
C ASP C 77 -3.24 -8.85 26.45
N ASN C 78 -2.77 -10.09 26.23
CA ASN C 78 -3.63 -11.23 25.97
C ASN C 78 -4.44 -11.08 24.69
N GLU C 79 -3.93 -10.31 23.73
CA GLU C 79 -4.46 -10.27 22.38
C GLU C 79 -3.38 -10.75 21.43
N VAL C 80 -3.73 -11.70 20.56
CA VAL C 80 -2.80 -12.15 19.54
C VAL C 80 -2.56 -11.01 18.56
N LEU C 81 -1.28 -10.73 18.26
CA LEU C 81 -0.89 -9.64 17.37
C LEU C 81 -0.92 -10.11 15.92
N PRO C 82 -1.30 -9.25 14.99
CA PRO C 82 -1.35 -9.67 13.58
C PRO C 82 0.04 -9.94 13.02
N ASP C 83 0.10 -10.88 12.06
CA ASP C 83 1.37 -11.32 11.53
C ASP C 83 2.10 -10.23 10.75
N HIS C 84 1.36 -9.29 10.15
CA HIS C 84 1.96 -8.27 9.32
C HIS C 84 2.22 -6.95 10.04
N THR C 86 4.33 -4.47 12.25
CA THR C 86 5.76 -4.29 12.48
C THR C 86 6.02 -3.96 13.95
N LYS C 88 7.71 -1.62 15.20
CA LYS C 88 7.58 -0.20 15.49
C LYS C 88 6.11 0.21 15.69
N GLN C 89 5.19 -0.46 14.99
CA GLN C 89 3.77 -0.17 15.21
C GLN C 89 3.30 -0.75 16.54
N ILE C 90 3.75 -1.96 16.88
CA ILE C 90 3.48 -2.50 18.21
C ILE C 90 3.97 -1.54 19.28
N TRP C 91 5.20 -1.05 19.12
CA TRP C 91 5.78 -0.16 20.11
C TRP C 91 4.95 1.11 20.27
N LEU C 92 4.71 1.82 19.16
CA LEU C 92 4.03 3.11 19.21
C LEU C 92 2.55 3.02 19.58
N SER C 93 1.88 1.90 19.29
CA SER C 93 0.49 1.74 19.69
C SER C 93 0.31 1.21 21.11
N ARG C 94 1.31 0.51 21.65
CA ARG C 94 1.17 -0.17 22.93
C ARG C 94 2.28 0.14 23.93
N TRP C 95 3.36 0.82 23.54
CA TRP C 95 4.50 0.98 24.44
C TRP C 95 5.07 2.40 24.45
N PHE C 96 4.40 3.39 23.88
CA PHE C 96 5.01 4.70 23.75
C PHE C 96 5.31 5.30 25.11
N GLY C 97 6.46 5.97 25.20
CA GLY C 97 6.91 6.58 26.44
C GLY C 97 7.50 5.63 27.46
N LYS C 98 7.47 4.32 27.20
CA LYS C 98 7.97 3.34 28.14
C LYS C 98 9.37 2.89 27.75
N PRO C 99 10.22 2.61 28.74
CA PRO C 99 11.61 2.27 28.45
C PRO C 99 11.76 0.90 27.82
N SER C 100 12.92 0.67 27.21
CA SER C 100 13.28 -0.63 26.65
C SER C 100 13.45 -1.62 27.80
N PRO C 101 13.17 -2.89 27.50
CA PRO C 101 12.73 -3.36 26.20
C PRO C 101 11.22 -3.57 26.16
N LEU C 102 10.67 -3.71 24.96
CA LEU C 102 9.26 -4.01 24.80
C LEU C 102 8.98 -5.44 25.24
N LEU C 103 7.99 -5.62 26.12
CA LEU C 103 7.66 -6.92 26.68
C LEU C 103 6.50 -7.53 25.91
N LEU C 104 6.76 -8.69 25.31
CA LEU C 104 5.74 -9.46 24.60
C LEU C 104 5.63 -10.84 25.21
N GLN C 105 4.48 -11.45 25.03
CA GLN C 105 4.23 -12.82 25.46
C GLN C 105 4.10 -13.73 24.23
N TYR C 106 4.47 -14.99 24.41
CA TYR C 106 4.23 -16.02 23.42
C TYR C 106 3.59 -17.22 24.11
N SER C 107 2.81 -17.97 23.35
CA SER C 107 2.11 -19.13 23.86
C SER C 107 2.40 -20.32 22.95
N VAL C 108 2.23 -21.51 23.50
CA VAL C 108 2.36 -22.77 22.76
C VAL C 108 1.04 -23.51 22.91
N LYS C 109 0.38 -23.77 21.78
CA LYS C 109 -0.92 -24.44 21.79
C LYS C 109 -0.98 -25.54 20.73
N ASP D 5 18.83 -9.44 1.20
CA ASP D 5 18.18 -8.46 2.06
C ASP D 5 17.28 -9.17 3.07
N ASP D 6 17.89 -9.68 4.14
CA ASP D 6 17.20 -10.46 5.15
C ASP D 6 17.22 -9.74 6.49
N PHE D 7 16.37 -10.20 7.41
CA PHE D 7 16.37 -9.72 8.78
C PHE D 7 17.36 -10.54 9.60
N PHE D 9 18.46 -11.25 13.58
CA PHE D 9 18.00 -11.09 14.96
C PHE D 9 19.13 -11.45 15.91
N GLU D 10 19.24 -10.68 16.99
CA GLU D 10 20.18 -10.95 18.06
C GLU D 10 19.41 -11.56 19.23
N LEU D 11 19.89 -12.68 19.75
CA LEU D 11 19.21 -13.37 20.83
C LEU D 11 20.17 -13.61 21.99
N SER D 12 19.61 -13.59 23.21
CA SER D 12 20.39 -13.80 24.41
C SER D 12 19.45 -14.12 25.56
N ASP D 13 19.99 -14.76 26.58
CA ASP D 13 19.23 -15.03 27.80
C ASP D 13 19.31 -13.91 28.82
N LYS D 14 20.17 -12.93 28.60
CA LYS D 14 20.33 -11.78 29.48
C LYS D 14 20.11 -10.49 28.71
N PRO D 15 19.73 -9.41 29.39
CA PRO D 15 19.45 -8.15 28.70
C PRO D 15 20.61 -7.73 27.80
N LEU D 16 20.29 -6.96 26.76
CA LEU D 16 21.23 -6.59 25.73
C LEU D 16 21.61 -5.12 25.86
N LEU D 17 22.81 -4.80 25.38
CA LEU D 17 23.26 -3.42 25.37
C LEU D 17 22.37 -2.62 24.41
N PRO D 18 22.20 -1.32 24.66
CA PRO D 18 21.49 -0.48 23.70
C PRO D 18 22.38 -0.18 22.51
N CYS D 19 21.76 -0.13 21.33
CA CYS D 19 22.45 0.33 20.13
C CYS D 19 21.73 1.55 19.59
N TYR D 20 22.46 2.32 18.78
CA TYR D 20 21.97 3.60 18.30
C TYR D 20 22.25 3.71 16.81
N ASN D 21 21.25 4.18 16.07
CA ASN D 21 21.33 4.29 14.61
C ASN D 21 21.88 5.66 14.26
N LEU D 22 23.10 5.70 13.72
CA LEU D 22 23.82 6.94 13.53
C LEU D 22 24.46 6.95 12.15
N GLN D 23 24.59 8.16 11.59
CA GLN D 23 25.39 8.41 10.40
C GLN D 23 26.63 9.18 10.86
N VAL D 24 27.79 8.51 10.86
CA VAL D 24 29.02 9.10 11.38
C VAL D 24 29.71 10.00 10.39
N SER D 25 29.23 10.08 9.15
CA SER D 25 29.94 10.81 8.11
C SER D 25 28.99 11.14 6.98
N VAL D 26 29.26 12.28 6.34
CA VAL D 26 28.56 12.64 5.11
C VAL D 26 28.79 11.57 4.04
N SER D 27 29.82 10.76 4.21
CA SER D 27 30.22 9.79 3.21
C SER D 27 29.72 8.38 3.51
N ARG D 28 28.95 8.20 4.58
CA ARG D 28 28.47 6.88 4.95
C ARG D 28 26.98 6.95 5.24
N GLY D 29 26.28 5.85 4.95
CA GLY D 29 24.89 5.74 5.29
C GLY D 29 24.72 5.46 6.77
N PRO D 30 23.53 5.70 7.30
CA PRO D 30 23.28 5.40 8.71
C PRO D 30 23.35 3.91 8.98
N CYS D 31 23.89 3.56 10.14
CA CYS D 31 23.94 2.17 10.59
C CYS D 31 23.91 2.18 12.12
N ASN D 32 24.10 1.01 12.72
CA ASN D 32 23.95 0.85 14.16
C ASN D 32 25.31 0.77 14.86
N TRP D 33 25.33 1.24 16.10
CA TRP D 33 26.56 1.33 16.87
C TRP D 33 26.26 1.08 18.34
N PHE D 34 27.25 0.56 19.05
CA PHE D 34 27.24 0.51 20.51
C PHE D 34 28.07 1.65 21.06
N LEU D 35 27.80 2.00 22.31
CA LEU D 35 28.75 2.80 23.07
C LEU D 35 29.97 1.95 23.36
N PHE D 36 31.14 2.40 22.91
CA PHE D 36 32.35 1.61 23.11
C PHE D 36 32.58 1.28 24.57
N SER D 37 32.22 2.19 25.48
CA SER D 37 32.42 1.93 26.90
C SER D 37 31.51 0.80 27.39
N ASP D 38 30.35 0.61 26.76
CA ASP D 38 29.47 -0.47 27.17
C ASP D 38 30.00 -1.82 26.71
N VAL D 39 30.53 -1.90 25.49
CA VAL D 39 31.08 -3.16 25.00
C VAL D 39 32.27 -3.61 25.85
N LEU D 40 33.09 -2.65 26.30
CA LEU D 40 34.23 -3.00 27.13
C LEU D 40 33.78 -3.54 28.50
N LYS D 41 32.76 -2.92 29.08
CA LYS D 41 32.30 -3.33 30.40
C LYS D 41 31.69 -4.73 30.37
N ARG D 42 30.90 -5.03 29.34
CA ARG D 42 30.36 -6.38 29.18
C ARG D 42 31.48 -7.40 28.97
N LEU D 43 32.46 -7.06 28.15
CA LEU D 43 33.56 -7.99 27.85
C LEU D 43 34.59 -8.04 28.96
N LYS D 44 34.61 -7.06 29.87
CA LYS D 44 35.64 -6.95 30.90
C LYS D 44 37.04 -6.86 30.29
N LEU D 45 37.13 -6.23 29.13
CA LEU D 45 38.40 -5.94 28.46
C LEU D 45 38.67 -4.45 28.48
N SER D 46 39.94 -4.10 28.40
CA SER D 46 40.33 -2.71 28.27
C SER D 46 40.27 -2.30 26.81
N SER D 47 40.18 -0.99 26.58
CA SER D 47 40.24 -0.49 25.21
C SER D 47 41.49 -1.00 24.50
N ARG D 48 42.61 -1.05 25.23
CA ARG D 48 43.87 -1.51 24.64
C ARG D 48 43.76 -2.96 24.18
N ILE D 49 43.37 -3.87 25.08
CA ILE D 49 43.33 -5.28 24.74
C ILE D 49 42.29 -5.54 23.65
N PHE D 50 41.13 -4.88 23.74
CA PHE D 50 40.09 -5.07 22.73
C PHE D 50 40.61 -4.75 21.34
N GLN D 51 41.24 -3.58 21.18
CA GLN D 51 41.69 -3.17 19.85
C GLN D 51 42.90 -3.97 19.38
N ALA D 52 43.78 -4.35 20.31
CA ALA D 52 44.91 -5.21 19.94
C ALA D 52 44.41 -6.58 19.51
N ARG D 53 43.50 -7.17 20.27
CA ARG D 53 43.05 -8.53 20.02
C ARG D 53 42.08 -8.61 18.85
N PHE D 54 41.22 -7.61 18.70
CA PHE D 54 40.18 -7.60 17.66
C PHE D 54 40.30 -6.34 16.83
N PRO D 55 41.34 -6.25 15.99
CA PRO D 55 41.58 -5.00 15.24
C PRO D 55 40.56 -4.72 14.15
N HIS D 56 39.80 -5.71 13.68
CA HIS D 56 38.88 -5.50 12.58
C HIS D 56 37.58 -4.83 13.00
N PHE D 57 37.35 -4.68 14.30
CA PHE D 57 36.19 -3.95 14.78
C PHE D 57 36.40 -2.46 14.56
N GLU D 58 35.33 -1.76 14.21
CA GLU D 58 35.45 -0.35 13.88
C GLU D 58 35.12 0.54 15.06
N ILE D 59 36.09 1.38 15.43
CA ILE D 59 35.90 2.33 16.50
C ILE D 59 35.99 3.73 15.91
N THR D 60 34.97 4.53 16.19
CA THR D 60 34.88 5.87 15.66
C THR D 60 34.32 6.83 16.71
N THR D 61 34.47 8.12 16.45
CA THR D 61 33.97 9.12 17.38
C THR D 61 33.09 10.15 16.70
N PRO D 63 30.93 14.12 17.81
CA PRO D 63 30.62 15.12 18.85
C PRO D 63 29.37 14.72 19.62
N LYS D 64 29.37 15.08 20.91
CA LYS D 64 28.25 14.71 21.78
C LYS D 64 26.95 15.35 21.33
N ALA D 65 26.99 16.56 20.78
CA ALA D 65 25.78 17.23 20.34
C ALA D 65 25.23 16.61 19.05
N GLU D 66 26.10 16.09 18.20
CA GLU D 66 25.65 15.43 16.97
C GLU D 66 25.02 14.07 17.29
N PHE D 67 25.60 13.34 18.24
CA PHE D 67 25.03 12.07 18.67
C PHE D 67 23.65 12.28 19.29
N TYR D 68 23.54 13.21 20.23
CA TYR D 68 22.25 13.48 20.86
C TYR D 68 21.22 13.93 19.83
N ARG D 69 21.65 14.69 18.82
CA ARG D 69 20.72 15.15 17.80
C ARG D 69 20.14 13.98 17.01
N GLN D 70 21.02 13.10 16.52
CA GLN D 70 20.55 11.97 15.73
C GLN D 70 19.69 11.01 16.56
N VAL D 71 19.94 10.94 17.86
CA VAL D 71 19.21 10.02 18.73
C VAL D 71 17.91 10.61 19.26
N ALA D 72 17.77 11.94 19.28
CA ALA D 72 16.58 12.56 19.84
C ALA D 72 15.37 12.48 18.90
N SER D 73 15.59 12.21 17.61
CA SER D 73 14.48 12.12 16.68
C SER D 73 13.72 10.80 16.81
N SER D 74 14.30 9.82 17.48
CA SER D 74 13.65 8.52 17.63
C SER D 74 12.42 8.66 18.51
N GLN D 75 11.35 7.98 18.11
CA GLN D 75 10.18 7.81 18.96
C GLN D 75 10.32 6.61 19.88
N LEU D 76 11.38 5.83 19.74
CA LEU D 76 11.60 4.65 20.56
C LEU D 76 12.37 4.96 21.84
N LEU D 77 13.40 5.80 21.73
CA LEU D 77 14.14 6.19 22.92
C LEU D 77 13.38 7.26 23.69
N THR D 78 13.34 7.11 25.00
CA THR D 78 12.74 8.11 25.87
C THR D 78 13.80 9.10 26.32
N PRO D 79 13.38 10.27 26.83
CA PRO D 79 14.37 11.23 27.33
C PRO D 79 15.43 10.62 28.23
N ALA D 80 15.02 9.87 29.27
CA ALA D 80 15.98 9.25 30.17
C ALA D 80 16.96 8.36 29.40
N GLU D 81 16.48 7.67 28.38
CA GLU D 81 17.31 6.74 27.62
C GLU D 81 18.31 7.42 26.70
N ARG D 82 18.31 8.75 26.62
CA ARG D 82 19.19 9.47 25.70
C ARG D 82 20.48 9.81 26.41
N PRO D 83 21.63 9.26 26.00
CA PRO D 83 22.91 9.68 26.59
C PRO D 83 23.22 11.11 26.22
N GLY D 84 23.56 11.91 27.23
CA GLY D 84 23.93 13.30 27.02
C GLY D 84 22.75 14.24 26.90
N GLU D 96 32.57 17.24 25.12
CA GLU D 96 33.53 16.30 24.57
C GLU D 96 32.85 15.32 23.62
N THR D 97 33.49 14.17 23.40
CA THR D 97 33.07 13.25 22.35
C THR D 97 32.37 12.02 22.92
N VAL D 98 31.90 11.17 22.01
CA VAL D 98 31.31 9.87 22.31
C VAL D 98 32.01 8.86 21.42
N GLU D 99 32.45 7.75 22.02
CA GLU D 99 33.17 6.71 21.30
C GLU D 99 32.23 5.56 20.97
N LEU D 100 32.36 5.02 19.76
CA LEU D 100 31.40 4.06 19.24
C LEU D 100 32.13 2.90 18.58
N VAL D 101 31.57 1.70 18.73
CA VAL D 101 31.99 0.52 17.99
C VAL D 101 30.81 0.03 17.18
N ARG D 102 31.07 -0.44 15.96
CA ARG D 102 29.99 -0.72 15.03
C ARG D 102 29.30 -2.04 15.33
N TYR D 103 28.01 -2.08 15.01
CA TYR D 103 27.16 -3.23 15.29
C TYR D 103 27.26 -4.22 14.12
N GLU D 104 27.78 -5.40 14.39
CA GLU D 104 27.95 -6.41 13.35
C GLU D 104 27.96 -7.79 14.00
N PRO D 105 27.63 -8.83 13.23
CA PRO D 105 27.48 -10.17 13.83
C PRO D 105 28.68 -10.67 14.63
N ASP D 106 29.91 -10.36 14.18
CA ASP D 106 31.08 -10.83 14.90
C ASP D 106 31.13 -10.25 16.31
N LEU D 107 30.80 -8.97 16.46
CA LEU D 107 30.80 -8.36 17.78
C LEU D 107 29.66 -8.89 18.65
N LEU D 108 28.52 -9.21 18.04
CA LEU D 108 27.40 -9.74 18.82
C LEU D 108 27.73 -11.13 19.38
N ARG D 109 28.33 -11.99 18.55
CA ARG D 109 28.74 -13.31 19.04
C ARG D 109 29.78 -13.18 20.15
N LEU D 110 30.69 -12.21 20.03
CA LEU D 110 31.68 -11.99 21.07
C LEU D 110 31.00 -11.61 22.39
N LEU D 111 29.99 -10.75 22.33
CA LEU D 111 29.25 -10.35 23.51
C LEU D 111 28.41 -11.47 24.11
N GLY D 112 28.44 -12.67 23.53
CA GLY D 112 27.72 -13.79 24.05
C GLY D 112 26.35 -14.05 23.44
N SER D 113 25.94 -13.25 22.45
CA SER D 113 24.65 -13.43 21.82
C SER D 113 24.76 -14.44 20.68
N GLU D 114 23.60 -14.93 20.25
CA GLU D 114 23.47 -15.73 19.05
C GLU D 114 22.75 -14.91 17.99
N VAL D 115 23.12 -15.17 16.73
CA VAL D 115 22.55 -14.46 15.59
C VAL D 115 21.69 -15.42 14.79
N GLU D 116 20.56 -14.92 14.29
CA GLU D 116 19.70 -15.69 13.41
C GLU D 116 19.25 -14.80 12.26
N PHE D 117 19.32 -15.35 11.05
CA PHE D 117 18.97 -14.63 9.83
C PHE D 117 17.63 -15.16 9.35
N GLN D 118 16.62 -14.30 9.36
CA GLN D 118 15.28 -14.62 8.91
C GLN D 118 15.01 -13.90 7.59
N SER D 119 14.59 -14.65 6.58
CA SER D 119 14.23 -14.02 5.31
C SER D 119 12.84 -13.42 5.39
N CYS D 120 12.59 -12.44 4.53
CA CYS D 120 11.31 -11.75 4.50
C CYS D 120 10.29 -12.50 3.66
#